data_1CBV
#
_entry.id   1CBV
#
_cell.length_a   63.500
_cell.length_b   99.200
_cell.length_c   36.600
_cell.angle_alpha   90.00
_cell.angle_beta   95.30
_cell.angle_gamma   90.00
#
_symmetry.space_group_name_H-M   'P 1 21 1'
#
loop_
_entity.id
_entity.type
_entity.pdbx_description
1 polymer "DNA (5'-D(*TP*TP*T)-3')"
2 polymer 'PROTEIN (FAB (BV04-01) AUTOANTIBODY-LIGHT CHAIN)'
3 polymer 'PROTEIN (FAB (BV04-01) AUTOANTIBODY-HEAVY CHAIN)'
#
loop_
_entity_poly.entity_id
_entity_poly.type
_entity_poly.pdbx_seq_one_letter_code
_entity_poly.pdbx_strand_id
1 'polydeoxyribonucleotide' (DT)(DT)(DT) D
2 'polypeptide(L)'
;DVVMTQTPLSLPVSLGDQASISCRSSQSLVHSNGNTYLHWYLQKPGQSPKLLIYKVSNRFSGVPDRFSGSGSGTDFTLKI
SRVEAEDLGVYFCSQSTHVPLTFGAGTKLELKRADAAPTVSIFPPSSEQLTSGGASVVCFLNNFYPKDINVKWKIDGSER
QNGVLNSWTDQDSKDSTYSMSSTLTLTKDEYERHNSYTCEATHKTSTSPIVKSFNRNEC
;
L
3 'polypeptide(L)'
;EVQPVETGGGLVQPKGSLKLSCAASGFSFNTNAMNWVRQAPGKGLEWVARIRSKSNNYATYYADSVKDRFTISRDDSQNM
LYLQMNNLKTEDTAMYYCVRDQTGTAWFAYWGQGTLVTVSAAKTTPPSVYPLAPGCGDTTGSSVTLGCLVKGYFPESVTV
TWNSGSLSSSVHTFPALLQSGLYTMSSSVTVPSSTWPSQTVTCSVAHPASSTTVDKKLE
;
H
#
# COMPACT_ATOMS: atom_id res chain seq x y z
N ASP B 1 6.05 4.02 -23.12
CA ASP B 1 5.37 5.01 -24.00
C ASP B 1 4.15 4.39 -24.67
N VAL B 2 4.02 3.09 -24.53
CA VAL B 2 2.68 2.45 -24.85
C VAL B 2 2.02 2.51 -23.47
N VAL B 3 0.76 2.77 -23.35
CA VAL B 3 0.11 2.83 -22.01
C VAL B 3 -0.73 1.59 -21.76
N MET B 4 -0.29 0.68 -20.90
CA MET B 4 -1.09 -0.57 -20.71
C MET B 4 -2.34 -0.25 -19.89
N THR B 5 -3.47 -0.18 -20.62
CA THR B 5 -4.76 -0.02 -19.93
C THR B 5 -5.28 -1.43 -19.53
N GLN B 6 -5.58 -1.45 -18.24
CA GLN B 6 -6.14 -2.64 -17.59
C GLN B 6 -7.61 -2.36 -17.32
N THR B 7 -8.40 -3.38 -17.39
CA THR B 7 -9.84 -3.37 -17.23
C THR B 7 -10.23 -4.69 -16.54
N PRO B 8 -10.69 -4.59 -15.31
CA PRO B 8 -10.87 -3.40 -14.49
C PRO B 8 -9.84 -3.33 -13.37
N LEU B 9 -9.74 -2.17 -12.73
CA LEU B 9 -8.82 -1.93 -11.63
C LEU B 9 -9.28 -2.55 -10.33
N SER B 10 -10.53 -2.84 -10.17
CA SER B 10 -11.05 -3.56 -8.98
C SER B 10 -11.95 -4.68 -9.51
N LEU B 11 -11.89 -5.83 -8.89
CA LEU B 11 -12.66 -7.00 -9.35
C LEU B 11 -13.05 -7.89 -8.19
N PRO B 12 -14.26 -7.64 -7.71
CA PRO B 12 -14.88 -8.48 -6.67
C PRO B 12 -15.21 -9.83 -7.32
N VAL B 13 -14.96 -10.88 -6.57
CA VAL B 13 -15.12 -12.27 -7.05
C VAL B 13 -15.43 -13.22 -5.92
N SER B 14 -16.39 -14.12 -6.21
CA SER B 14 -16.66 -15.23 -5.24
C SER B 14 -15.56 -16.26 -5.53
N LEU B 15 -15.27 -17.12 -4.61
CA LEU B 15 -14.07 -17.99 -4.72
C LEU B 15 -14.26 -19.22 -5.57
N GLY B 16 -14.97 -19.07 -6.65
CA GLY B 16 -15.19 -20.26 -7.57
C GLY B 16 -15.90 -19.64 -8.80
N ASP B 17 -15.61 -18.37 -8.91
CA ASP B 17 -16.09 -17.56 -10.04
C ASP B 17 -14.93 -17.61 -11.05
N GLN B 18 -15.33 -17.41 -12.29
CA GLN B 18 -14.37 -17.16 -13.39
C GLN B 18 -14.06 -15.66 -13.24
N ALA B 19 -12.84 -15.30 -13.33
CA ALA B 19 -12.41 -13.89 -13.28
C ALA B 19 -11.87 -13.60 -14.68
N SER B 20 -11.85 -12.37 -15.05
CA SER B 20 -11.29 -11.93 -16.33
C SER B 20 -10.70 -10.54 -16.10
N ILE B 21 -9.42 -10.45 -16.37
CA ILE B 21 -8.72 -9.13 -16.22
C ILE B 21 -8.20 -8.71 -17.58
N SER B 22 -8.57 -7.53 -18.05
CA SER B 22 -8.30 -7.16 -19.45
C SER B 22 -7.38 -6.01 -19.69
N CYS B 23 -6.41 -6.23 -20.56
CA CYS B 23 -5.31 -5.27 -20.86
C CYS B 23 -5.41 -4.80 -22.30
N ARG B 24 -4.90 -3.62 -22.57
CA ARG B 24 -5.00 -2.98 -23.88
C ARG B 24 -3.88 -1.96 -24.04
N SER B 25 -3.11 -2.11 -25.08
CA SER B 25 -1.97 -1.28 -25.41
C SER B 25 -2.30 -0.22 -26.44
N SER B 26 -1.50 0.84 -26.45
CA SER B 26 -1.78 2.04 -27.28
C SER B 26 -1.22 1.87 -28.67
N GLN B 27 -0.41 0.82 -28.78
CA GLN B 27 0.25 0.44 -30.05
C GLN B 27 0.15 -1.08 -30.23
N SER B 28 0.45 -1.54 -31.43
CA SER B 28 0.50 -2.96 -31.76
C SER B 28 1.81 -3.57 -31.20
N LEU B 29 1.66 -4.68 -30.53
CA LEU B 29 2.77 -5.39 -29.90
C LEU B 29 3.39 -6.45 -30.78
N VAL B 30 2.78 -6.75 -31.91
CA VAL B 30 3.28 -7.78 -32.85
C VAL B 30 4.63 -7.28 -33.40
N HIS B 31 5.65 -7.67 -32.68
CA HIS B 31 7.05 -7.33 -33.05
C HIS B 31 7.31 -7.66 -34.51
N SER B 32 8.34 -7.10 -35.06
CA SER B 32 8.73 -7.26 -36.48
C SER B 32 9.44 -8.60 -36.70
N ASN B 33 9.62 -9.31 -35.62
CA ASN B 33 10.31 -10.57 -35.46
C ASN B 33 10.46 -10.86 -33.91
N GLY B 34 9.60 -11.74 -33.44
CA GLY B 34 9.61 -12.27 -32.07
C GLY B 34 8.20 -12.75 -31.60
N ASN B 35 7.34 -11.77 -31.48
CA ASN B 35 5.92 -11.84 -31.45
C ASN B 35 5.06 -11.82 -30.24
N THR B 36 4.52 -10.60 -30.03
CA THR B 36 3.54 -10.31 -28.99
C THR B 36 4.15 -10.52 -27.62
N TYR B 37 4.99 -9.60 -27.23
CA TYR B 37 5.61 -9.65 -25.89
C TYR B 37 4.70 -8.85 -24.96
N LEU B 38 3.67 -9.58 -24.55
CA LEU B 38 2.60 -9.17 -23.64
C LEU B 38 2.65 -10.21 -22.50
N HIS B 39 2.94 -9.73 -21.33
CA HIS B 39 3.19 -10.62 -20.18
C HIS B 39 2.31 -10.17 -19.01
N TRP B 40 1.90 -11.12 -18.21
CA TRP B 40 1.05 -10.95 -17.04
C TRP B 40 1.82 -11.49 -15.80
N TYR B 41 1.67 -10.75 -14.74
CA TYR B 41 2.37 -10.95 -13.48
C TYR B 41 1.35 -10.97 -12.33
N LEU B 42 1.72 -11.63 -11.27
CA LEU B 42 0.91 -11.68 -10.04
C LEU B 42 1.85 -11.28 -8.91
N GLN B 43 1.35 -10.46 -8.03
CA GLN B 43 2.03 -10.02 -6.82
C GLN B 43 1.03 -10.03 -5.63
N LYS B 44 1.28 -10.93 -4.73
CA LYS B 44 0.46 -11.09 -3.50
C LYS B 44 0.94 -9.96 -2.63
N PRO B 45 0.09 -9.41 -1.80
CA PRO B 45 0.41 -8.33 -0.88
C PRO B 45 1.61 -8.59 0.02
N GLY B 46 2.45 -7.56 0.10
CA GLY B 46 3.67 -7.57 0.93
C GLY B 46 4.72 -8.47 0.26
N GLN B 47 4.75 -8.40 -1.09
CA GLN B 47 5.55 -9.39 -1.83
C GLN B 47 5.99 -8.91 -3.18
N SER B 48 6.93 -9.64 -3.77
CA SER B 48 7.49 -9.42 -5.11
C SER B 48 6.50 -9.97 -6.17
N PRO B 49 6.67 -9.39 -7.35
CA PRO B 49 5.89 -9.82 -8.54
C PRO B 49 6.32 -11.19 -8.99
N LYS B 50 5.41 -11.96 -9.55
CA LYS B 50 5.64 -13.32 -10.02
C LYS B 50 5.16 -13.43 -11.47
N LEU B 51 5.94 -14.12 -12.28
CA LEU B 51 5.61 -14.24 -13.73
C LEU B 51 4.62 -15.39 -13.95
N LEU B 52 3.52 -15.09 -14.62
CA LEU B 52 2.47 -16.03 -14.88
C LEU B 52 2.52 -16.59 -16.29
N ILE B 53 2.22 -15.71 -17.21
CA ILE B 53 2.04 -16.08 -18.65
C ILE B 53 2.95 -15.16 -19.44
N TYR B 54 3.66 -15.65 -20.41
CA TYR B 54 4.43 -14.77 -21.30
C TYR B 54 3.96 -14.97 -22.76
N LYS B 55 4.06 -13.93 -23.52
CA LYS B 55 3.70 -13.87 -24.92
C LYS B 55 2.27 -14.37 -25.13
N VAL B 56 1.36 -13.71 -24.41
CA VAL B 56 -0.05 -13.87 -24.36
C VAL B 56 -0.54 -15.17 -23.76
N SER B 57 -0.02 -16.31 -24.21
CA SER B 57 -0.60 -17.60 -23.78
C SER B 57 0.39 -18.54 -23.14
N ASN B 58 1.66 -18.33 -23.35
CA ASN B 58 2.70 -19.25 -22.84
C ASN B 58 2.81 -19.08 -21.33
N ARG B 59 2.32 -20.06 -20.65
CA ARG B 59 2.35 -20.04 -19.15
C ARG B 59 3.81 -20.28 -18.77
N PHE B 60 4.10 -19.83 -17.58
CA PHE B 60 5.43 -19.92 -16.97
C PHE B 60 5.42 -21.09 -15.96
N SER B 61 6.64 -21.50 -15.64
CA SER B 61 6.90 -22.69 -14.84
C SER B 61 6.42 -22.66 -13.41
N GLY B 62 5.13 -23.00 -13.28
CA GLY B 62 4.51 -23.18 -11.93
C GLY B 62 3.00 -22.92 -12.08
N VAL B 63 2.71 -21.89 -12.84
CA VAL B 63 1.37 -21.40 -13.05
C VAL B 63 0.39 -22.55 -13.25
N PRO B 64 -0.46 -22.73 -12.25
CA PRO B 64 -1.52 -23.71 -12.28
C PRO B 64 -2.30 -23.61 -13.60
N ASP B 65 -2.91 -24.72 -13.92
CA ASP B 65 -3.75 -24.99 -15.07
C ASP B 65 -5.00 -24.13 -15.15
N ARG B 66 -5.10 -23.09 -14.36
CA ARG B 66 -6.31 -22.25 -14.29
C ARG B 66 -6.07 -20.90 -14.96
N PHE B 67 -4.85 -20.66 -15.38
CA PHE B 67 -4.52 -19.34 -15.99
C PHE B 67 -4.58 -19.47 -17.49
N SER B 68 -5.28 -18.51 -18.12
CA SER B 68 -5.53 -18.52 -19.55
C SER B 68 -5.34 -17.20 -20.25
N GLY B 69 -4.23 -17.08 -20.95
CA GLY B 69 -3.91 -15.89 -21.74
C GLY B 69 -4.33 -16.12 -23.18
N SER B 70 -4.71 -15.05 -23.83
CA SER B 70 -5.17 -15.03 -25.22
C SER B 70 -5.43 -13.53 -25.52
N GLY B 71 -5.50 -13.26 -26.79
CA GLY B 71 -5.63 -11.88 -27.31
C GLY B 71 -4.69 -11.74 -28.53
N SER B 72 -4.97 -10.69 -29.28
CA SER B 72 -4.25 -10.40 -30.53
C SER B 72 -3.93 -8.92 -30.54
N GLY B 73 -2.73 -8.58 -30.96
CA GLY B 73 -2.35 -7.19 -31.15
C GLY B 73 -2.49 -6.18 -30.09
N THR B 74 -3.63 -5.62 -29.85
CA THR B 74 -3.82 -4.52 -28.86
C THR B 74 -4.79 -4.92 -27.76
N ASP B 75 -5.39 -6.07 -27.93
CA ASP B 75 -6.39 -6.58 -26.96
C ASP B 75 -5.87 -7.87 -26.37
N PHE B 76 -5.83 -7.90 -25.05
CA PHE B 76 -5.35 -9.07 -24.32
C PHE B 76 -6.28 -9.33 -23.13
N THR B 77 -6.30 -10.60 -22.71
CA THR B 77 -7.21 -11.09 -21.69
C THR B 77 -6.54 -12.15 -20.83
N LEU B 78 -6.47 -11.83 -19.54
CA LEU B 78 -6.08 -12.83 -18.53
C LEU B 78 -7.36 -13.39 -17.88
N LYS B 79 -7.52 -14.69 -18.06
CA LYS B 79 -8.66 -15.43 -17.57
C LYS B 79 -8.23 -16.56 -16.63
N ILE B 80 -8.52 -16.25 -15.37
CA ILE B 80 -8.34 -17.29 -14.28
C ILE B 80 -9.70 -17.95 -14.26
N SER B 81 -9.75 -19.25 -14.04
CA SER B 81 -10.97 -20.03 -14.22
C SER B 81 -11.88 -20.11 -13.02
N ARG B 82 -11.31 -20.67 -11.97
CA ARG B 82 -12.09 -20.83 -10.68
C ARG B 82 -11.14 -20.17 -9.68
N VAL B 83 -11.55 -19.01 -9.19
CA VAL B 83 -10.70 -18.20 -8.35
C VAL B 83 -10.43 -18.75 -6.96
N GLU B 84 -9.32 -19.45 -6.86
CA GLU B 84 -8.78 -19.91 -5.57
C GLU B 84 -8.15 -18.74 -4.80
N ALA B 85 -8.34 -18.76 -3.49
CA ALA B 85 -7.91 -17.67 -2.61
C ALA B 85 -6.46 -17.31 -2.77
N GLU B 86 -5.63 -18.31 -3.10
CA GLU B 86 -4.17 -18.10 -3.24
C GLU B 86 -3.92 -17.01 -4.29
N ASP B 87 -4.85 -16.72 -5.15
CA ASP B 87 -4.63 -15.82 -6.28
C ASP B 87 -4.92 -14.35 -6.06
N LEU B 88 -5.35 -13.93 -4.91
CA LEU B 88 -5.82 -12.56 -4.62
C LEU B 88 -4.59 -11.67 -4.40
N GLY B 89 -4.54 -10.62 -5.16
CA GLY B 89 -3.48 -9.59 -5.06
C GLY B 89 -3.71 -8.72 -6.32
N VAL B 90 -2.61 -8.14 -6.79
CA VAL B 90 -2.68 -7.35 -8.03
C VAL B 90 -2.10 -8.09 -9.23
N TYR B 91 -2.80 -8.02 -10.34
CA TYR B 91 -2.42 -8.59 -11.63
C TYR B 91 -1.90 -7.48 -12.54
N PHE B 92 -0.73 -7.69 -13.10
CA PHE B 92 -0.09 -6.71 -13.99
C PHE B 92 0.07 -7.28 -15.40
N CYS B 93 -0.19 -6.43 -16.38
CA CYS B 93 0.27 -6.80 -17.76
C CYS B 93 1.50 -5.94 -18.04
N SER B 94 2.47 -6.53 -18.72
CA SER B 94 3.64 -5.78 -19.19
C SER B 94 3.83 -5.94 -20.72
N GLN B 95 4.62 -5.02 -21.23
CA GLN B 95 4.99 -5.00 -22.66
C GLN B 95 6.53 -4.87 -22.68
N SER B 96 7.16 -5.64 -23.53
CA SER B 96 8.61 -5.48 -23.76
C SER B 96 8.90 -5.66 -25.26
N THR B 97 8.07 -5.03 -26.08
CA THR B 97 8.24 -5.06 -27.53
C THR B 97 8.97 -3.77 -27.94
N HIS B 98 8.60 -2.71 -27.27
CA HIS B 98 9.23 -1.39 -27.44
C HIS B 98 9.99 -1.03 -26.17
N VAL B 99 11.14 -0.39 -26.34
CA VAL B 99 11.78 0.21 -25.12
C VAL B 99 11.03 1.55 -24.94
N PRO B 100 10.48 1.83 -23.78
CA PRO B 100 10.61 1.08 -22.56
C PRO B 100 9.45 0.20 -22.12
N LEU B 101 9.83 -0.77 -21.29
CA LEU B 101 8.96 -1.73 -20.62
C LEU B 101 7.89 -0.90 -19.90
N THR B 102 6.66 -1.08 -20.26
CA THR B 102 5.54 -0.43 -19.61
C THR B 102 4.62 -1.54 -19.08
N PHE B 103 4.11 -1.27 -17.91
CA PHE B 103 3.23 -2.20 -17.20
C PHE B 103 1.86 -1.48 -17.16
N GLY B 104 0.89 -2.29 -16.80
CA GLY B 104 -0.49 -1.75 -16.57
C GLY B 104 -0.55 -1.23 -15.14
N ALA B 105 -1.60 -0.54 -14.81
CA ALA B 105 -1.93 0.01 -13.53
C ALA B 105 -2.16 -1.07 -12.48
N GLY B 106 -2.44 -2.29 -12.89
CA GLY B 106 -2.77 -3.38 -11.99
C GLY B 106 -4.24 -3.42 -11.57
N THR B 107 -4.75 -4.65 -11.61
CA THR B 107 -6.10 -5.06 -11.26
C THR B 107 -6.07 -5.85 -9.94
N LYS B 108 -6.86 -5.46 -8.98
CA LYS B 108 -6.94 -6.12 -7.68
C LYS B 108 -8.17 -7.01 -7.54
N LEU B 109 -7.96 -8.32 -7.46
CA LEU B 109 -9.06 -9.27 -7.22
C LEU B 109 -9.42 -9.14 -5.73
N GLU B 110 -10.57 -8.60 -5.47
CA GLU B 110 -11.06 -8.47 -4.06
C GLU B 110 -11.99 -9.66 -3.92
N LEU B 111 -12.54 -9.86 -2.76
CA LEU B 111 -13.42 -10.97 -2.41
C LEU B 111 -14.81 -10.48 -2.01
N LYS B 112 -15.80 -11.27 -2.49
CA LYS B 112 -17.18 -10.99 -2.30
C LYS B 112 -17.70 -11.45 -0.95
N ARG B 113 -18.48 -10.53 -0.44
CA ARG B 113 -19.17 -10.59 0.86
C ARG B 113 -20.40 -9.70 0.65
N ALA B 114 -21.46 -10.01 1.34
CA ALA B 114 -22.71 -9.24 1.27
C ALA B 114 -22.48 -7.82 1.77
N ASP B 115 -23.48 -7.01 1.63
CA ASP B 115 -23.49 -5.59 2.04
C ASP B 115 -23.48 -5.47 3.55
N ALA B 116 -22.83 -4.42 4.05
CA ALA B 116 -22.69 -4.15 5.47
C ALA B 116 -22.68 -2.67 5.82
N ALA B 117 -23.43 -2.37 6.84
CA ALA B 117 -23.57 -1.00 7.41
C ALA B 117 -22.40 -0.90 8.40
N PRO B 118 -21.72 0.21 8.30
CA PRO B 118 -20.51 0.48 9.11
C PRO B 118 -20.88 0.92 10.50
N THR B 119 -20.02 0.72 11.46
CA THR B 119 -20.27 1.30 12.82
C THR B 119 -19.43 2.60 12.87
N VAL B 120 -20.07 3.72 13.04
CA VAL B 120 -19.37 5.01 13.01
C VAL B 120 -19.10 5.40 14.46
N SER B 121 -17.95 5.94 14.72
CA SER B 121 -17.63 6.52 16.05
C SER B 121 -16.82 7.80 15.82
N ILE B 122 -17.30 8.82 16.52
CA ILE B 122 -16.61 10.13 16.65
C ILE B 122 -15.85 10.20 17.98
N PHE B 123 -14.62 10.70 17.93
CA PHE B 123 -13.83 10.86 19.18
C PHE B 123 -13.26 12.30 19.24
N PRO B 124 -13.38 12.91 20.40
CA PRO B 124 -12.85 14.26 20.68
C PRO B 124 -11.41 14.18 21.16
N PRO B 125 -10.73 15.29 20.99
CA PRO B 125 -9.29 15.46 21.25
C PRO B 125 -9.03 15.38 22.74
N SER B 126 -8.07 14.52 23.04
CA SER B 126 -7.60 14.23 24.41
C SER B 126 -6.93 15.49 24.96
N SER B 127 -7.16 15.71 26.24
CA SER B 127 -6.52 16.89 26.90
C SER B 127 -5.06 16.90 26.45
N GLU B 128 -4.41 15.80 26.65
CA GLU B 128 -3.07 15.48 26.24
C GLU B 128 -2.60 15.99 24.89
N GLN B 129 -3.46 16.09 23.87
CA GLN B 129 -3.07 16.56 22.54
C GLN B 129 -3.31 18.09 22.47
N LEU B 130 -4.34 18.45 23.21
CA LEU B 130 -4.69 19.89 23.30
C LEU B 130 -3.49 20.63 23.81
N THR B 131 -2.83 20.09 24.83
CA THR B 131 -1.67 20.66 25.49
C THR B 131 -0.45 20.87 24.59
N SER B 132 -0.52 20.47 23.35
CA SER B 132 0.50 20.68 22.33
C SER B 132 0.13 21.83 21.40
N GLY B 133 -1.17 21.99 21.09
CA GLY B 133 -1.58 23.15 20.28
C GLY B 133 -2.39 22.84 19.05
N GLY B 134 -2.82 21.60 18.93
CA GLY B 134 -3.61 21.11 17.80
C GLY B 134 -4.76 20.26 18.35
N ALA B 135 -5.63 19.89 17.42
CA ALA B 135 -6.82 19.08 17.73
C ALA B 135 -7.02 18.03 16.65
N SER B 136 -7.46 16.85 17.05
CA SER B 136 -7.91 15.85 16.06
C SER B 136 -9.16 15.13 16.56
N VAL B 137 -10.20 15.39 15.77
CA VAL B 137 -11.51 14.73 15.96
C VAL B 137 -11.41 13.53 14.98
N VAL B 138 -11.22 12.35 15.50
CA VAL B 138 -11.05 11.17 14.64
C VAL B 138 -12.45 10.57 14.43
N CYS B 139 -12.70 10.08 13.27
CA CYS B 139 -13.98 9.34 13.04
C CYS B 139 -13.57 7.99 12.45
N PHE B 140 -14.08 6.96 13.11
CA PHE B 140 -13.82 5.57 12.65
C PHE B 140 -15.13 5.03 12.05
N LEU B 141 -15.11 4.80 10.78
CA LEU B 141 -16.22 4.08 10.08
C LEU B 141 -15.78 2.62 9.97
N ASN B 142 -16.38 1.74 10.76
CA ASN B 142 -15.83 0.38 10.93
C ASN B 142 -16.71 -0.72 10.41
N ASN B 143 -16.08 -1.68 9.76
CA ASN B 143 -16.64 -2.88 9.17
C ASN B 143 -17.80 -2.71 8.21
N PHE B 144 -17.54 -2.14 7.06
CA PHE B 144 -18.51 -1.93 6.00
C PHE B 144 -18.15 -2.81 4.79
N TYR B 145 -19.06 -2.79 3.84
CA TYR B 145 -18.83 -3.40 2.51
C TYR B 145 -20.03 -3.07 1.61
N PRO B 146 -19.74 -2.66 0.41
CA PRO B 146 -18.48 -2.49 -0.26
C PRO B 146 -17.71 -1.24 0.17
N LYS B 147 -16.59 -0.99 -0.44
CA LYS B 147 -15.65 0.06 -0.17
C LYS B 147 -16.03 1.38 -0.81
N ASP B 148 -17.23 1.43 -1.37
CA ASP B 148 -17.78 2.72 -1.90
C ASP B 148 -18.27 3.52 -0.70
N ILE B 149 -17.43 4.37 -0.13
CA ILE B 149 -17.85 5.13 1.08
C ILE B 149 -17.40 6.56 1.06
N ASN B 150 -18.26 7.41 1.59
CA ASN B 150 -18.00 8.89 1.58
C ASN B 150 -18.26 9.44 2.97
N VAL B 151 -17.26 10.10 3.52
CA VAL B 151 -17.39 10.76 4.83
C VAL B 151 -17.38 12.28 4.64
N LYS B 152 -18.26 12.89 5.41
CA LYS B 152 -18.40 14.41 5.35
C LYS B 152 -18.25 14.88 6.80
N TRP B 153 -17.61 16.03 6.96
CA TRP B 153 -17.36 16.64 8.25
C TRP B 153 -18.13 17.97 8.38
N LYS B 154 -18.69 18.10 9.60
CA LYS B 154 -19.49 19.32 9.88
C LYS B 154 -19.06 19.97 11.17
N ILE B 155 -18.57 21.21 11.02
CA ILE B 155 -18.13 22.03 12.16
C ILE B 155 -19.15 23.16 12.34
N ASP B 156 -19.94 22.97 13.40
CA ASP B 156 -20.98 23.95 13.76
C ASP B 156 -22.06 24.02 12.70
N GLY B 157 -22.08 23.03 11.84
CA GLY B 157 -23.01 22.94 10.72
C GLY B 157 -22.28 23.26 9.43
N SER B 158 -21.51 24.35 9.50
CA SER B 158 -20.74 24.84 8.33
C SER B 158 -20.12 23.63 7.61
N GLU B 159 -20.46 23.57 6.38
CA GLU B 159 -20.23 22.50 5.43
C GLU B 159 -18.81 22.14 5.11
N ARG B 160 -18.60 20.85 4.98
CA ARG B 160 -17.33 20.20 4.69
C ARG B 160 -16.17 20.69 5.58
N GLN B 161 -14.99 20.26 5.16
CA GLN B 161 -13.70 20.65 5.69
C GLN B 161 -12.64 20.51 4.58
N ASN B 162 -11.40 20.61 4.98
CA ASN B 162 -10.20 20.47 4.18
C ASN B 162 -8.96 20.19 5.06
N GLY B 163 -9.16 19.59 6.22
CA GLY B 163 -8.00 19.08 7.00
C GLY B 163 -8.24 17.60 7.34
N VAL B 164 -8.68 16.88 6.30
CA VAL B 164 -9.15 15.49 6.44
C VAL B 164 -8.13 14.48 5.97
N LEU B 165 -7.94 13.41 6.72
CA LEU B 165 -7.08 12.30 6.29
C LEU B 165 -7.81 10.95 6.41
N ASN B 166 -8.30 10.52 5.27
CA ASN B 166 -8.96 9.21 5.12
C ASN B 166 -7.87 8.18 4.79
N SER B 167 -8.06 6.99 5.29
CA SER B 167 -7.15 5.85 5.11
C SER B 167 -7.97 4.56 5.21
N TRP B 168 -7.93 3.76 4.19
CA TRP B 168 -8.67 2.49 4.16
C TRP B 168 -7.69 1.33 4.50
N THR B 169 -8.28 0.31 5.08
CA THR B 169 -7.55 -0.97 5.30
C THR B 169 -7.72 -1.76 4.00
N ASP B 170 -7.06 -2.87 3.86
CA ASP B 170 -7.42 -3.79 2.72
C ASP B 170 -8.42 -4.75 3.36
N GLN B 171 -8.92 -5.72 2.65
CA GLN B 171 -9.95 -6.66 3.05
C GLN B 171 -9.60 -7.50 4.27
N ASP B 172 -10.40 -7.30 5.30
CA ASP B 172 -10.21 -7.88 6.63
C ASP B 172 -10.69 -9.32 6.65
N SER B 173 -9.80 -10.20 6.25
CA SER B 173 -10.04 -11.68 6.32
C SER B 173 -10.60 -11.92 7.74
N LYS B 174 -11.81 -12.44 7.76
CA LYS B 174 -12.64 -12.53 8.99
C LYS B 174 -13.98 -11.96 8.50
N ASP B 175 -14.38 -10.76 8.88
CA ASP B 175 -15.78 -10.35 8.48
C ASP B 175 -15.72 -10.07 6.97
N SER B 176 -14.49 -9.89 6.52
CA SER B 176 -14.13 -9.62 5.15
C SER B 176 -14.28 -8.17 4.71
N THR B 177 -14.52 -7.30 5.65
CA THR B 177 -14.98 -5.93 5.46
C THR B 177 -13.90 -4.88 5.70
N TYR B 178 -13.95 -3.83 4.90
CA TYR B 178 -13.06 -2.69 4.95
C TYR B 178 -13.44 -1.78 6.14
N SER B 179 -12.42 -1.13 6.62
CA SER B 179 -12.56 -0.15 7.72
C SER B 179 -11.82 1.09 7.30
N MET B 180 -12.17 2.22 7.86
CA MET B 180 -11.71 3.55 7.39
C MET B 180 -11.81 4.58 8.50
N SER B 181 -10.82 5.49 8.50
CA SER B 181 -10.72 6.52 9.55
C SER B 181 -10.50 7.95 9.09
N SER B 182 -11.53 8.78 9.20
CA SER B 182 -11.44 10.22 8.81
C SER B 182 -10.89 11.06 9.94
N THR B 183 -9.66 11.50 9.88
CA THR B 183 -9.08 12.40 10.86
C THR B 183 -9.30 13.86 10.38
N LEU B 184 -9.57 14.70 11.35
CA LEU B 184 -9.70 16.13 11.19
C LEU B 184 -8.81 16.83 12.22
N THR B 185 -7.76 17.42 11.68
CA THR B 185 -6.71 18.11 12.45
C THR B 185 -6.93 19.62 12.39
N LEU B 186 -7.39 20.21 13.47
CA LEU B 186 -7.58 21.66 13.56
C LEU B 186 -6.47 22.20 14.52
N THR B 187 -6.50 23.51 14.65
CA THR B 187 -5.64 24.25 15.56
C THR B 187 -6.38 24.38 16.90
N LYS B 188 -5.60 24.39 17.97
CA LYS B 188 -6.21 24.59 19.31
C LYS B 188 -7.22 25.73 19.24
N ASP B 189 -6.79 26.88 18.83
CA ASP B 189 -7.58 28.08 18.69
C ASP B 189 -8.88 27.84 17.95
N GLU B 190 -8.79 27.16 16.81
CA GLU B 190 -9.99 26.93 15.97
C GLU B 190 -10.95 26.03 16.76
N TYR B 191 -10.44 24.90 17.22
CA TYR B 191 -11.18 23.99 18.07
C TYR B 191 -12.04 24.83 19.03
N GLU B 192 -11.38 25.65 19.81
CA GLU B 192 -12.01 26.36 20.93
C GLU B 192 -12.94 27.45 20.55
N ARG B 193 -13.21 27.55 19.24
CA ARG B 193 -14.18 28.59 18.79
C ARG B 193 -15.36 27.95 18.07
N HIS B 194 -15.38 26.63 18.10
CA HIS B 194 -16.37 25.83 17.38
C HIS B 194 -16.89 24.68 18.20
N ASN B 195 -18.21 24.55 18.22
CA ASN B 195 -18.88 23.67 19.16
C ASN B 195 -19.14 22.22 18.82
N SER B 196 -19.90 22.02 17.76
CA SER B 196 -20.37 20.70 17.33
C SER B 196 -19.56 20.19 16.14
N TYR B 197 -19.18 18.91 16.32
CA TYR B 197 -18.39 18.16 15.36
C TYR B 197 -19.14 16.96 14.84
N THR B 198 -19.27 16.96 13.51
CA THR B 198 -20.09 15.94 12.83
C THR B 198 -19.35 15.20 11.74
N CYS B 199 -19.54 13.92 11.80
CA CYS B 199 -19.11 12.87 10.90
C CYS B 199 -20.43 12.36 10.25
N GLU B 200 -20.43 12.30 8.95
CA GLU B 200 -21.64 11.91 8.17
C GLU B 200 -21.22 10.94 7.10
N ALA B 201 -21.35 9.66 7.45
CA ALA B 201 -21.06 8.52 6.55
C ALA B 201 -22.24 8.26 5.59
N THR B 202 -21.88 8.39 4.34
CA THR B 202 -22.74 8.21 3.16
C THR B 202 -22.42 6.86 2.58
N HIS B 203 -23.33 5.94 2.67
CA HIS B 203 -23.10 4.54 2.25
C HIS B 203 -24.28 3.96 1.52
N LYS B 204 -24.04 2.86 0.80
CA LYS B 204 -25.07 2.24 -0.02
C LYS B 204 -26.14 1.52 0.76
N THR B 205 -25.85 1.09 1.96
CA THR B 205 -26.81 0.39 2.82
C THR B 205 -27.62 1.36 3.69
N SER B 206 -27.85 2.54 3.17
CA SER B 206 -28.66 3.61 3.82
C SER B 206 -28.91 4.69 2.78
N THR B 207 -30.07 5.29 2.73
CA THR B 207 -30.32 6.44 1.80
C THR B 207 -30.13 7.73 2.66
N SER B 208 -30.23 7.44 3.95
CA SER B 208 -30.03 8.35 5.06
C SER B 208 -28.63 8.06 5.64
N PRO B 209 -27.91 9.15 5.79
CA PRO B 209 -26.52 9.10 6.31
C PRO B 209 -26.50 8.60 7.74
N ILE B 210 -25.41 7.92 8.07
CA ILE B 210 -25.12 7.51 9.45
C ILE B 210 -24.31 8.70 10.04
N VAL B 211 -25.02 9.37 10.90
CA VAL B 211 -24.51 10.58 11.58
C VAL B 211 -24.09 10.27 13.00
N LYS B 212 -22.87 10.62 13.33
CA LYS B 212 -22.30 10.51 14.68
C LYS B 212 -21.67 11.88 14.95
N SER B 213 -21.90 12.42 16.12
CA SER B 213 -21.46 13.79 16.44
C SER B 213 -21.34 13.97 17.96
N PHE B 214 -20.45 14.85 18.35
CA PHE B 214 -20.18 15.15 19.76
C PHE B 214 -20.21 16.69 19.89
N ASN B 215 -20.10 17.09 21.15
CA ASN B 215 -20.27 18.48 21.54
C ASN B 215 -19.09 19.00 22.35
N ARG B 216 -18.22 19.76 21.67
CA ARG B 216 -16.99 20.26 22.28
C ARG B 216 -17.20 20.66 23.76
N ASN B 217 -18.18 21.53 23.96
CA ASN B 217 -18.31 22.16 25.30
C ASN B 217 -19.03 21.17 26.21
N GLU B 218 -18.26 20.14 26.56
CA GLU B 218 -18.77 19.09 27.50
C GLU B 218 -17.59 18.27 28.00
N CYS B 219 -17.48 17.01 27.61
CA CYS B 219 -16.39 16.15 28.18
C CYS B 219 -15.07 16.32 27.45
N GLU C 1 13.71 -20.41 -2.92
CA GLU C 1 13.69 -19.85 -4.31
C GLU C 1 15.15 -19.68 -4.76
N VAL C 2 15.26 -19.32 -6.04
CA VAL C 2 16.60 -19.20 -6.65
C VAL C 2 17.20 -17.92 -6.07
N GLN C 3 16.25 -16.98 -5.91
CA GLN C 3 16.57 -15.68 -5.37
C GLN C 3 17.58 -14.81 -6.14
N PRO C 4 17.04 -13.63 -6.27
CA PRO C 4 17.83 -12.37 -6.47
C PRO C 4 17.67 -11.77 -5.06
N VAL C 5 18.66 -11.17 -4.50
CA VAL C 5 18.58 -10.61 -3.12
C VAL C 5 19.31 -9.26 -3.16
N GLU C 6 18.78 -8.26 -2.52
CA GLU C 6 19.26 -6.88 -2.67
C GLU C 6 19.37 -6.18 -1.34
N THR C 7 20.35 -5.26 -1.23
CA THR C 7 20.54 -4.45 -0.04
C THR C 7 21.06 -3.06 -0.31
N GLY C 8 21.45 -2.40 0.75
CA GLY C 8 21.98 -1.06 0.78
C GLY C 8 20.87 -0.06 0.55
N GLY C 9 19.67 -0.52 0.91
CA GLY C 9 18.47 0.39 0.80
C GLY C 9 18.47 1.20 2.11
N GLY C 10 18.07 2.45 2.05
CA GLY C 10 18.00 3.27 3.25
C GLY C 10 17.32 4.62 3.10
N LEU C 11 17.63 5.45 4.10
CA LEU C 11 17.19 6.83 4.22
C LEU C 11 18.37 7.72 3.74
N VAL C 12 18.14 8.38 2.64
CA VAL C 12 19.09 9.37 2.12
C VAL C 12 18.42 10.73 2.05
N GLN C 13 19.14 11.73 2.51
CA GLN C 13 18.65 13.14 2.32
C GLN C 13 18.82 13.35 0.79
N PRO C 14 17.98 14.19 0.26
CA PRO C 14 17.97 14.50 -1.19
C PRO C 14 19.31 14.90 -1.72
N LYS C 15 19.57 14.54 -2.97
CA LYS C 15 20.87 14.80 -3.64
C LYS C 15 21.94 13.91 -3.05
N GLY C 16 21.53 12.90 -2.33
CA GLY C 16 22.43 11.90 -1.70
C GLY C 16 22.76 10.79 -2.72
N SER C 17 23.32 9.71 -2.24
CA SER C 17 23.67 8.55 -3.04
C SER C 17 23.55 7.25 -2.25
N LEU C 18 23.23 6.21 -3.01
CA LEU C 18 23.23 4.84 -2.47
C LEU C 18 23.85 3.85 -3.47
N LYS C 19 24.53 2.85 -2.94
CA LYS C 19 25.02 1.74 -3.75
C LYS C 19 24.17 0.50 -3.41
N LEU C 20 23.13 0.38 -4.27
CA LEU C 20 22.21 -0.78 -4.12
C LEU C 20 22.91 -1.96 -4.82
N SER C 21 22.91 -3.04 -4.05
CA SER C 21 23.48 -4.32 -4.47
C SER C 21 22.31 -5.29 -4.65
N CYS C 22 22.55 -6.29 -5.48
CA CYS C 22 21.67 -7.40 -5.78
C CYS C 22 22.47 -8.69 -6.10
N ALA C 23 22.03 -9.77 -5.49
CA ALA C 23 22.66 -11.07 -5.51
C ALA C 23 21.79 -12.18 -6.05
N ALA C 24 22.17 -12.67 -7.21
CA ALA C 24 21.48 -13.71 -7.92
C ALA C 24 22.31 -14.96 -8.14
N SER C 25 22.08 -15.96 -7.29
CA SER C 25 22.65 -17.30 -7.53
C SER C 25 21.79 -18.02 -8.58
N GLY C 26 22.42 -18.44 -9.68
CA GLY C 26 21.67 -19.18 -10.70
C GLY C 26 22.42 -19.72 -11.90
N PHE C 27 22.07 -20.97 -12.25
CA PHE C 27 22.55 -21.77 -13.35
C PHE C 27 23.58 -21.13 -14.27
N SER C 28 23.19 -19.94 -14.74
CA SER C 28 24.03 -19.17 -15.69
C SER C 28 23.74 -17.69 -15.56
N PHE C 29 24.16 -17.15 -14.42
CA PHE C 29 24.07 -15.69 -14.15
C PHE C 29 24.82 -14.99 -15.29
N ASN C 30 26.05 -15.43 -15.39
CA ASN C 30 27.01 -15.13 -16.44
C ASN C 30 26.38 -14.74 -17.77
N THR C 31 25.27 -15.35 -18.15
CA THR C 31 24.69 -15.18 -19.47
C THR C 31 23.46 -14.32 -19.60
N ASN C 32 22.78 -14.05 -18.51
CA ASN C 32 21.46 -13.34 -18.65
C ASN C 32 21.64 -11.83 -18.52
N ALA C 33 20.62 -11.15 -19.01
CA ALA C 33 20.45 -9.70 -18.83
C ALA C 33 19.85 -9.48 -17.42
N MET C 34 20.29 -8.43 -16.79
CA MET C 34 19.96 -8.03 -15.43
C MET C 34 19.24 -6.68 -15.42
N ASN C 35 18.13 -6.68 -14.70
CA ASN C 35 17.23 -5.55 -14.59
C ASN C 35 17.06 -4.97 -13.19
N TRP C 36 16.69 -3.70 -13.21
CA TRP C 36 16.33 -2.92 -12.01
C TRP C 36 14.96 -2.26 -12.28
N VAL C 37 14.05 -2.48 -11.39
CA VAL C 37 12.67 -1.92 -11.52
C VAL C 37 12.20 -1.37 -10.18
N ARG C 38 11.84 -0.08 -10.17
CA ARG C 38 11.30 0.59 -9.02
C ARG C 38 9.74 0.45 -9.06
N GLN C 39 9.25 0.62 -7.83
CA GLN C 39 7.84 0.72 -7.49
C GLN C 39 7.70 1.70 -6.29
N ALA C 40 7.31 2.89 -6.62
CA ALA C 40 7.14 3.98 -5.65
C ALA C 40 5.81 3.66 -4.97
N PRO C 41 5.82 3.86 -3.68
CA PRO C 41 4.75 3.50 -2.77
C PRO C 41 3.43 4.15 -3.15
N GLY C 42 3.47 5.01 -4.15
CA GLY C 42 2.34 5.73 -4.65
C GLY C 42 1.51 5.11 -5.75
N LYS C 43 2.03 4.12 -6.46
CA LYS C 43 1.26 3.52 -7.55
C LYS C 43 1.88 2.25 -8.11
N GLY C 44 2.55 2.38 -9.27
CA GLY C 44 2.94 1.19 -10.00
C GLY C 44 4.39 0.89 -10.24
N LEU C 45 4.57 0.13 -11.32
CA LEU C 45 5.89 -0.33 -11.77
C LEU C 45 6.39 0.62 -12.82
N GLU C 46 7.65 0.95 -12.73
CA GLU C 46 8.43 1.78 -13.64
C GLU C 46 9.83 1.12 -13.70
N TRP C 47 10.23 0.80 -14.87
CA TRP C 47 11.58 0.18 -15.08
C TRP C 47 12.59 1.31 -14.96
N VAL C 48 13.67 1.07 -14.21
CA VAL C 48 14.72 2.09 -14.08
C VAL C 48 15.83 1.87 -15.12
N ALA C 49 16.32 0.63 -15.11
CA ALA C 49 17.50 0.26 -15.85
C ALA C 49 17.65 -1.22 -16.10
N ARG C 50 18.65 -1.46 -16.92
CA ARG C 50 18.97 -2.78 -17.47
C ARG C 50 20.39 -2.75 -18.05
N ILE C 51 20.93 -3.97 -17.99
CA ILE C 51 22.33 -4.15 -18.51
C ILE C 51 22.30 -5.50 -19.19
N ARG C 52 22.90 -5.52 -20.38
CA ARG C 52 22.99 -6.82 -21.14
C ARG C 52 24.14 -7.58 -20.48
N SER C 53 24.82 -8.45 -21.19
CA SER C 53 25.97 -9.19 -20.66
C SER C 53 27.22 -8.98 -21.50
N LYS C 54 28.25 -9.79 -21.24
CA LYS C 54 29.57 -9.71 -21.81
C LYS C 54 29.55 -9.76 -23.34
N SER C 55 28.82 -10.77 -23.80
CA SER C 55 28.61 -10.92 -25.28
C SER C 55 28.16 -9.58 -25.80
N ASN C 56 27.07 -9.06 -25.31
CA ASN C 56 26.53 -7.77 -25.82
C ASN C 56 27.20 -6.58 -25.15
N ASN C 57 28.54 -6.66 -25.02
CA ASN C 57 29.43 -5.57 -24.56
C ASN C 57 28.81 -4.77 -23.42
N TYR C 58 28.06 -5.46 -22.58
CA TYR C 58 27.33 -4.95 -21.44
C TYR C 58 26.46 -3.75 -21.75
N ALA C 59 25.81 -3.75 -22.89
CA ALA C 59 24.81 -2.74 -23.25
C ALA C 59 23.84 -2.45 -22.09
N THR C 60 23.94 -1.25 -21.62
CA THR C 60 23.28 -0.61 -20.50
C THR C 60 22.12 0.28 -20.96
N TYR C 61 20.92 0.06 -20.47
CA TYR C 61 19.73 0.83 -20.79
C TYR C 61 19.14 1.51 -19.56
N TYR C 62 18.45 2.62 -19.79
CA TYR C 62 17.88 3.43 -18.73
C TYR C 62 16.63 4.17 -19.16
N ALA C 63 15.70 4.30 -18.25
CA ALA C 63 14.45 5.07 -18.37
C ALA C 63 14.73 6.55 -18.37
N ASP C 64 14.06 7.33 -19.19
CA ASP C 64 14.37 8.78 -19.28
C ASP C 64 14.50 9.43 -17.88
N SER C 65 13.77 8.89 -16.95
CA SER C 65 13.56 9.47 -15.61
C SER C 65 14.74 9.37 -14.67
N VAL C 66 15.67 8.49 -14.96
CA VAL C 66 16.81 8.20 -14.10
C VAL C 66 18.14 8.39 -14.80
N LYS C 67 18.05 8.54 -16.10
CA LYS C 67 19.25 8.72 -16.98
C LYS C 67 20.14 9.74 -16.30
N ASP C 68 21.43 9.52 -16.37
CA ASP C 68 22.46 10.34 -15.79
C ASP C 68 22.45 10.36 -14.28
N ARG C 69 21.35 10.08 -13.65
CA ARG C 69 21.35 9.99 -12.18
C ARG C 69 21.98 8.62 -11.88
N PHE C 70 21.51 7.60 -12.61
CA PHE C 70 21.94 6.24 -12.24
C PHE C 70 22.90 5.54 -13.23
N THR C 71 23.71 4.69 -12.61
CA THR C 71 24.64 3.79 -13.25
C THR C 71 24.31 2.34 -12.84
N ILE C 72 24.15 1.46 -13.81
CA ILE C 72 23.93 0.03 -13.55
C ILE C 72 25.22 -0.72 -13.96
N SER C 73 25.71 -1.50 -13.01
CA SER C 73 26.98 -2.24 -13.19
C SER C 73 26.73 -3.69 -12.80
N ARG C 74 27.56 -4.55 -13.30
CA ARG C 74 27.53 -5.98 -13.03
C ARG C 74 28.96 -6.51 -12.90
N ASP C 75 29.10 -7.50 -12.09
CA ASP C 75 30.33 -8.15 -11.70
C ASP C 75 30.10 -9.67 -11.63
N ASP C 76 30.09 -10.28 -12.80
CA ASP C 76 29.87 -11.73 -12.95
C ASP C 76 30.71 -12.57 -11.98
N SER C 77 31.94 -12.24 -11.84
CA SER C 77 32.89 -12.83 -10.89
C SER C 77 32.21 -13.37 -9.63
N GLN C 78 31.40 -12.46 -9.06
CA GLN C 78 30.70 -12.63 -7.80
C GLN C 78 29.19 -12.63 -7.90
N ASN C 79 28.63 -12.75 -9.08
CA ASN C 79 27.18 -12.73 -9.33
C ASN C 79 26.50 -11.50 -8.74
N MET C 80 27.20 -10.38 -8.80
CA MET C 80 26.70 -9.10 -8.29
C MET C 80 26.18 -8.17 -9.38
N LEU C 81 25.08 -7.50 -8.97
CA LEU C 81 24.48 -6.41 -9.74
C LEU C 81 24.49 -5.16 -8.84
N TYR C 82 24.71 -4.01 -9.42
CA TYR C 82 24.73 -2.75 -8.69
C TYR C 82 23.92 -1.67 -9.39
N LEU C 83 23.69 -0.59 -8.68
CA LEU C 83 22.96 0.60 -9.11
C LEU C 83 23.54 1.77 -8.29
N GLN C 84 24.29 2.57 -8.97
CA GLN C 84 24.80 3.82 -8.37
C GLN C 84 23.69 4.83 -8.71
N MET C 85 23.07 5.25 -7.63
CA MET C 85 21.97 6.25 -7.71
C MET C 85 22.60 7.51 -7.11
N ASN C 86 22.93 8.43 -7.97
CA ASN C 86 23.49 9.70 -7.47
C ASN C 86 22.38 10.75 -7.47
N ASN C 87 22.73 11.90 -6.99
CA ASN C 87 21.93 13.13 -7.02
C ASN C 87 20.45 12.84 -7.03
N LEU C 88 20.04 12.13 -5.97
CA LEU C 88 18.63 11.67 -5.82
C LEU C 88 17.60 12.78 -5.70
N LYS C 89 16.33 12.38 -5.85
CA LYS C 89 15.16 13.25 -5.64
C LYS C 89 14.12 12.50 -4.80
N THR C 90 13.24 13.24 -4.16
CA THR C 90 12.21 12.64 -3.28
C THR C 90 11.40 11.61 -4.10
N GLU C 91 11.14 11.94 -5.36
CA GLU C 91 10.37 11.07 -6.24
C GLU C 91 11.03 9.75 -6.59
N ASP C 92 12.24 9.54 -6.16
CA ASP C 92 13.00 8.31 -6.34
C ASP C 92 12.56 7.32 -5.25
N THR C 93 12.11 7.88 -4.14
CA THR C 93 11.62 7.09 -3.02
C THR C 93 10.70 5.96 -3.57
N ALA C 94 11.25 4.77 -3.49
CA ALA C 94 10.50 3.59 -3.95
C ALA C 94 11.16 2.32 -3.43
N MET C 95 10.49 1.25 -3.70
CA MET C 95 10.92 -0.13 -3.46
C MET C 95 11.68 -0.60 -4.72
N TYR C 96 12.91 -0.98 -4.49
CA TYR C 96 13.76 -1.43 -5.60
C TYR C 96 13.84 -2.96 -5.62
N TYR C 97 13.46 -3.43 -6.82
CA TYR C 97 13.51 -4.79 -7.22
C TYR C 97 14.72 -5.01 -8.17
N CYS C 98 15.27 -6.18 -7.89
CA CYS C 98 16.27 -6.81 -8.76
C CYS C 98 15.57 -7.87 -9.62
N VAL C 99 15.81 -7.74 -10.91
CA VAL C 99 15.07 -8.60 -11.89
C VAL C 99 16.03 -9.20 -12.92
N ARG C 100 15.86 -10.52 -12.98
CA ARG C 100 16.68 -11.43 -13.77
C ARG C 100 15.84 -12.06 -14.88
N ASP C 101 16.27 -11.76 -16.10
CA ASP C 101 15.80 -12.34 -17.34
C ASP C 101 16.04 -13.86 -17.31
N GLN C 102 15.06 -14.57 -17.84
CA GLN C 102 15.12 -16.03 -17.93
C GLN C 102 15.36 -16.41 -19.40
N THR C 103 16.60 -16.26 -19.78
CA THR C 103 17.15 -16.58 -21.08
C THR C 103 16.89 -18.04 -21.42
N GLY C 104 15.94 -18.27 -22.27
CA GLY C 104 15.49 -19.61 -22.70
C GLY C 104 13.97 -19.54 -22.98
N THR C 105 13.37 -18.50 -22.40
CA THR C 105 11.86 -18.45 -22.49
C THR C 105 11.41 -17.01 -22.62
N ALA C 106 11.77 -16.19 -21.63
CA ALA C 106 11.46 -14.75 -21.72
C ALA C 106 12.30 -13.95 -20.73
N TRP C 107 12.08 -12.64 -20.79
CA TRP C 107 12.89 -11.71 -19.95
C TRP C 107 12.03 -11.08 -18.87
N PHE C 108 12.61 -10.60 -17.79
CA PHE C 108 11.93 -9.93 -16.68
C PHE C 108 11.13 -10.95 -15.84
N ALA C 109 11.72 -12.11 -15.69
CA ALA C 109 11.08 -13.27 -15.11
C ALA C 109 11.16 -13.39 -13.61
N TYR C 110 12.34 -13.25 -13.05
CA TYR C 110 12.60 -13.48 -11.62
C TYR C 110 12.91 -12.19 -10.91
N TRP C 111 12.08 -11.92 -9.90
CA TRP C 111 12.14 -10.68 -9.09
C TRP C 111 12.36 -11.05 -7.60
N GLY C 112 13.33 -10.45 -6.98
CA GLY C 112 13.53 -10.66 -5.53
C GLY C 112 12.57 -9.81 -4.71
N GLN C 113 12.67 -10.09 -3.41
CA GLN C 113 11.89 -9.49 -2.33
C GLN C 113 11.79 -7.99 -2.42
N GLY C 114 12.79 -7.35 -2.97
CA GLY C 114 12.90 -5.91 -3.18
C GLY C 114 13.77 -5.22 -2.13
N THR C 115 13.63 -3.93 -1.99
CA THR C 115 14.10 -3.17 -0.82
C THR C 115 13.65 -1.70 -0.89
N LEU C 116 13.98 -0.95 0.13
CA LEU C 116 13.49 0.43 0.31
C LEU C 116 14.58 1.51 0.21
N VAL C 117 14.23 2.53 -0.55
CA VAL C 117 15.04 3.76 -0.69
C VAL C 117 14.10 4.91 -0.32
N THR C 118 14.38 5.53 0.82
CA THR C 118 13.61 6.66 1.33
C THR C 118 14.43 7.94 1.15
N VAL C 119 13.88 8.83 0.36
CA VAL C 119 14.44 10.14 0.07
C VAL C 119 13.41 11.16 0.60
N SER C 120 13.89 11.96 1.51
CA SER C 120 13.16 12.98 2.26
C SER C 120 14.20 13.74 3.11
N ALA C 121 14.05 15.01 3.39
CA ALA C 121 15.03 15.67 4.26
C ALA C 121 14.61 15.63 5.73
N ALA C 122 13.38 15.29 5.97
CA ALA C 122 12.79 15.19 7.32
C ALA C 122 13.69 14.31 8.17
N LYS C 123 13.77 14.59 9.45
CA LYS C 123 14.66 13.86 10.38
C LYS C 123 13.83 12.72 10.99
N THR C 124 14.42 12.00 11.88
CA THR C 124 13.85 10.90 12.64
C THR C 124 13.12 11.44 13.88
N THR C 125 11.85 11.74 13.68
CA THR C 125 10.95 12.26 14.73
C THR C 125 10.30 11.06 15.43
N PRO C 126 9.97 11.28 16.67
CA PRO C 126 9.27 10.24 17.48
C PRO C 126 7.81 10.32 17.07
N PRO C 127 7.00 9.52 17.72
CA PRO C 127 5.54 9.55 17.51
C PRO C 127 4.89 10.15 18.74
N SER C 128 3.93 11.00 18.51
CA SER C 128 3.02 11.47 19.59
C SER C 128 1.74 10.63 19.40
N VAL C 129 1.52 9.79 20.38
CA VAL C 129 0.38 8.91 20.48
C VAL C 129 -0.56 9.54 21.51
N TYR C 130 -1.82 9.59 21.13
CA TYR C 130 -2.90 10.10 21.98
C TYR C 130 -4.07 9.11 21.86
N PRO C 131 -4.71 8.89 22.98
CA PRO C 131 -5.79 7.92 23.12
C PRO C 131 -7.15 8.52 22.82
N LEU C 132 -7.93 7.83 21.99
CA LEU C 132 -9.28 8.26 21.65
C LEU C 132 -10.22 7.35 22.47
N ALA C 133 -11.13 8.04 23.14
CA ALA C 133 -12.10 7.38 24.06
C ALA C 133 -13.38 8.21 24.05
N PRO C 134 -14.51 7.50 24.03
CA PRO C 134 -15.82 8.06 23.75
C PRO C 134 -16.05 9.53 24.04
N GLY C 135 -15.69 9.99 25.20
CA GLY C 135 -16.04 11.38 25.63
C GLY C 135 -16.97 11.23 26.84
N CYS C 136 -18.22 11.60 26.65
CA CYS C 136 -19.21 11.38 27.76
C CYS C 136 -19.83 10.02 27.37
N GLY C 137 -21.14 9.92 27.48
CA GLY C 137 -21.89 8.77 27.03
C GLY C 137 -21.51 7.47 27.67
N ASP C 138 -20.23 7.18 27.68
CA ASP C 138 -19.78 5.88 28.38
C ASP C 138 -20.23 4.77 27.43
N THR C 139 -20.89 3.74 27.92
CA THR C 139 -21.22 2.57 27.08
C THR C 139 -22.61 2.65 26.49
N THR C 140 -22.62 2.74 25.17
CA THR C 140 -23.77 2.95 24.30
C THR C 140 -24.38 1.68 23.72
N GLY C 141 -23.79 0.55 23.97
CA GLY C 141 -24.24 -0.76 23.51
C GLY C 141 -23.27 -1.84 24.03
N SER C 142 -23.49 -3.02 23.51
CA SER C 142 -22.76 -4.25 23.78
C SER C 142 -21.26 -4.16 23.66
N SER C 143 -20.77 -3.46 22.65
CA SER C 143 -19.33 -3.30 22.37
C SER C 143 -19.07 -1.81 22.25
N VAL C 144 -17.80 -1.42 22.29
CA VAL C 144 -17.44 0.00 22.07
C VAL C 144 -16.00 0.18 21.61
N THR C 145 -15.83 0.95 20.55
CA THR C 145 -14.55 1.26 19.94
C THR C 145 -13.66 2.06 20.88
N LEU C 146 -12.42 1.76 20.88
CA LEU C 146 -11.36 2.53 21.60
C LEU C 146 -10.30 2.78 20.52
N GLY C 147 -9.35 3.64 20.76
CA GLY C 147 -8.34 3.93 19.74
C GLY C 147 -7.15 4.67 20.28
N CYS C 148 -6.14 4.72 19.40
CA CYS C 148 -4.92 5.49 19.58
C CYS C 148 -4.59 6.22 18.26
N LEU C 149 -4.26 7.46 18.42
CA LEU C 149 -3.78 8.29 17.30
C LEU C 149 -2.25 8.31 17.53
N VAL C 150 -1.56 7.97 16.49
CA VAL C 150 -0.08 8.04 16.46
C VAL C 150 0.26 9.17 15.48
N LYS C 151 0.48 10.35 16.01
CA LYS C 151 0.72 11.53 15.15
C LYS C 151 2.21 11.86 15.15
N GLY C 152 2.76 12.15 13.96
CA GLY C 152 4.02 12.75 13.76
C GLY C 152 5.36 12.16 13.68
N TYR C 153 5.57 10.99 13.12
CA TYR C 153 6.83 10.29 13.06
C TYR C 153 7.37 10.25 11.64
N PHE C 154 8.64 9.96 11.58
CA PHE C 154 9.49 9.71 10.43
C PHE C 154 10.61 8.77 11.00
N PRO C 155 10.87 7.66 10.34
CA PRO C 155 10.27 7.19 9.11
C PRO C 155 9.22 6.09 9.24
N GLU C 156 8.78 5.71 8.04
CA GLU C 156 7.79 4.74 7.70
C GLU C 156 7.12 3.99 8.80
N SER C 157 7.75 3.19 9.64
CA SER C 157 6.91 2.28 10.46
C SER C 157 7.04 2.29 11.96
N VAL C 158 5.87 2.05 12.55
CA VAL C 158 5.53 1.94 13.97
C VAL C 158 4.81 0.60 14.13
N THR C 159 4.73 0.04 15.32
CA THR C 159 3.98 -1.22 15.53
C THR C 159 3.01 -1.00 16.70
N VAL C 160 1.73 -1.10 16.42
CA VAL C 160 0.78 -0.78 17.58
C VAL C 160 0.19 -2.05 18.10
N THR C 161 0.52 -2.34 19.33
CA THR C 161 0.11 -3.54 20.10
C THR C 161 -1.07 -3.13 20.97
N TRP C 162 -2.05 -3.97 21.23
CA TRP C 162 -3.11 -3.59 22.19
C TRP C 162 -3.13 -4.55 23.38
N ASN C 163 -3.29 -3.93 24.54
CA ASN C 163 -3.47 -4.62 25.82
C ASN C 163 -4.97 -4.54 26.13
N SER C 164 -5.64 -5.64 25.99
CA SER C 164 -7.11 -5.72 26.19
C SER C 164 -7.33 -7.16 26.66
N GLY C 165 -6.83 -7.30 27.92
CA GLY C 165 -6.81 -8.62 28.57
C GLY C 165 -7.93 -9.48 28.00
N SER C 166 -7.61 -10.30 27.00
CA SER C 166 -8.55 -11.31 26.52
C SER C 166 -9.77 -10.75 25.80
N LEU C 167 -10.15 -9.52 26.12
CA LEU C 167 -11.35 -8.88 25.60
C LEU C 167 -11.55 -8.89 24.09
N SER C 168 -12.71 -9.41 23.70
CA SER C 168 -13.24 -9.66 22.39
C SER C 168 -13.09 -8.59 21.32
N SER C 169 -11.90 -8.04 21.20
CA SER C 169 -11.49 -6.99 20.35
C SER C 169 -11.65 -7.27 18.86
N SER C 170 -11.67 -6.20 18.08
CA SER C 170 -11.38 -6.31 16.65
C SER C 170 -10.46 -5.11 16.31
N VAL C 171 -9.16 -5.41 16.31
CA VAL C 171 -8.16 -4.36 16.07
C VAL C 171 -8.03 -4.15 14.55
N HIS C 172 -8.34 -2.93 14.13
CA HIS C 172 -8.00 -2.57 12.74
C HIS C 172 -6.66 -1.79 12.83
N THR C 173 -5.69 -2.25 12.06
CA THR C 173 -4.42 -1.50 11.95
C THR C 173 -4.54 -0.73 10.64
N PHE C 174 -4.53 0.57 10.72
CA PHE C 174 -4.60 1.45 9.56
C PHE C 174 -3.19 1.93 9.13
N PRO C 175 -3.08 1.94 7.80
CA PRO C 175 -1.95 2.49 7.09
C PRO C 175 -1.77 3.94 7.52
N ALA C 176 -0.51 4.34 7.56
CA ALA C 176 -0.10 5.70 7.76
C ALA C 176 -0.12 6.43 6.40
N LEU C 177 -0.40 7.70 6.53
CA LEU C 177 -0.42 8.65 5.44
C LEU C 177 0.63 9.71 5.79
N LEU C 178 1.13 10.33 4.75
CA LEU C 178 2.05 11.51 4.94
C LEU C 178 1.18 12.68 5.40
N GLN C 179 1.69 13.45 6.32
CA GLN C 179 0.87 14.59 6.87
C GLN C 179 1.79 15.72 7.27
N SER C 180 1.84 16.73 6.43
CA SER C 180 2.64 17.94 6.52
C SER C 180 4.09 17.68 6.91
N GLY C 181 4.61 16.64 6.29
CA GLY C 181 6.01 16.23 6.40
C GLY C 181 6.20 14.88 7.08
N LEU C 182 5.56 14.71 8.22
CA LEU C 182 5.63 13.45 8.95
C LEU C 182 4.33 12.69 8.79
N TYR C 183 4.42 11.39 9.05
CA TYR C 183 3.28 10.46 8.89
C TYR C 183 2.34 10.52 10.06
N THR C 184 1.12 10.08 9.84
CA THR C 184 0.14 9.89 10.95
C THR C 184 -0.49 8.50 10.71
N MET C 185 -1.00 7.96 11.81
CA MET C 185 -1.67 6.65 11.78
C MET C 185 -2.67 6.54 12.91
N SER C 186 -3.46 5.49 12.87
CA SER C 186 -4.47 5.20 13.88
C SER C 186 -4.77 3.70 13.92
N SER C 187 -5.23 3.28 15.08
CA SER C 187 -5.56 1.87 15.35
C SER C 187 -6.82 1.91 16.23
N SER C 188 -7.73 0.98 16.00
CA SER C 188 -8.94 0.91 16.81
C SER C 188 -9.05 -0.50 17.42
N VAL C 189 -9.73 -0.52 18.54
CA VAL C 189 -10.03 -1.78 19.27
C VAL C 189 -11.49 -1.63 19.71
N THR C 190 -12.22 -2.72 19.74
CA THR C 190 -13.63 -2.65 20.20
C THR C 190 -13.73 -3.52 21.44
N VAL C 191 -14.30 -3.03 22.49
CA VAL C 191 -14.40 -3.76 23.77
C VAL C 191 -15.84 -4.03 24.17
N PRO C 192 -15.97 -5.06 25.01
CA PRO C 192 -17.26 -5.38 25.69
C PRO C 192 -17.57 -4.27 26.68
N SER C 193 -18.74 -3.69 26.57
CA SER C 193 -19.18 -2.58 27.44
C SER C 193 -19.27 -3.01 28.90
N SER C 194 -19.44 -4.28 29.11
CA SER C 194 -19.59 -4.90 30.43
C SER C 194 -18.21 -5.29 30.98
N THR C 195 -17.21 -4.51 30.54
CA THR C 195 -15.84 -4.62 30.99
C THR C 195 -15.11 -3.27 30.89
N TRP C 196 -15.71 -2.31 30.23
CA TRP C 196 -15.12 -0.96 30.17
C TRP C 196 -15.81 -0.07 31.20
N PRO C 197 -15.08 0.74 31.95
CA PRO C 197 -13.64 0.89 31.95
C PRO C 197 -12.90 0.19 33.08
N SER C 198 -13.46 -0.89 33.63
CA SER C 198 -12.85 -1.68 34.68
C SER C 198 -11.50 -2.26 34.16
N GLN C 199 -11.64 -2.84 32.99
CA GLN C 199 -10.53 -3.53 32.31
C GLN C 199 -9.68 -2.48 31.62
N THR C 200 -8.41 -2.54 31.92
CA THR C 200 -7.41 -1.54 31.49
C THR C 200 -6.94 -1.86 30.08
N VAL C 201 -7.40 -1.04 29.15
CA VAL C 201 -6.96 -1.18 27.74
C VAL C 201 -5.69 -0.34 27.65
N THR C 202 -4.82 -0.70 26.76
CA THR C 202 -3.56 -0.01 26.50
C THR C 202 -3.21 -0.27 25.01
N CYS C 203 -2.54 0.72 24.47
CA CYS C 203 -1.98 0.62 23.10
C CYS C 203 -0.47 0.84 23.24
N SER C 204 0.29 0.02 22.51
CA SER C 204 1.76 0.02 22.63
C SER C 204 2.46 0.29 21.30
N VAL C 205 2.88 1.53 21.12
CA VAL C 205 3.54 2.09 19.98
C VAL C 205 5.06 2.17 20.02
N ALA C 206 5.76 1.23 19.45
CA ALA C 206 7.21 1.26 19.33
C ALA C 206 7.62 1.97 18.03
N HIS C 207 8.79 2.57 18.04
CA HIS C 207 9.34 3.19 16.78
C HIS C 207 10.79 2.70 16.74
N PRO C 208 11.04 1.89 15.71
CA PRO C 208 12.40 1.33 15.51
C PRO C 208 13.38 2.46 15.51
N ALA C 209 13.46 3.18 14.43
CA ALA C 209 14.37 4.37 14.38
C ALA C 209 13.98 5.28 15.54
N SER C 210 14.85 5.34 16.55
CA SER C 210 14.75 6.14 17.76
C SER C 210 14.18 5.44 18.99
N SER C 211 14.21 4.15 19.04
CA SER C 211 13.92 3.27 20.16
C SER C 211 13.04 3.91 21.24
N THR C 212 11.83 4.16 20.85
CA THR C 212 10.76 4.76 21.61
C THR C 212 9.64 3.72 21.80
N THR C 213 9.05 3.76 22.95
CA THR C 213 7.97 2.84 23.31
C THR C 213 7.09 3.57 24.34
N VAL C 214 6.01 4.10 23.81
CA VAL C 214 5.04 4.83 24.60
C VAL C 214 3.82 3.91 24.76
N ASP C 215 3.31 3.91 25.97
CA ASP C 215 2.13 3.15 26.36
C ASP C 215 1.08 4.19 26.75
N LYS C 216 -0.14 3.96 26.39
CA LYS C 216 -1.23 4.91 26.69
C LYS C 216 -2.42 4.12 27.19
N LYS C 217 -2.64 4.21 28.48
CA LYS C 217 -3.80 3.60 29.17
C LYS C 217 -4.98 4.34 28.52
N LEU C 218 -5.96 3.63 28.09
CA LEU C 218 -7.17 4.29 27.57
C LEU C 218 -8.17 4.46 28.71
N GLU C 219 -8.34 5.73 29.09
CA GLU C 219 -9.36 6.09 30.07
C GLU C 219 -10.01 7.42 29.65
#